data_5UQ6
#
_entry.id   5UQ6
#
_cell.length_a   63.124
_cell.length_b   69.981
_cell.length_c   75.052
_cell.angle_alpha   90.00
_cell.angle_beta   90.00
_cell.angle_gamma   90.00
#
_symmetry.space_group_name_H-M   'P 21 21 21'
#
loop_
_entity.id
_entity.type
_entity.pdbx_description
1 polymer 'Tartrate-resistant acid phosphatase type 5'
2 non-polymer 2-acetamido-2-deoxy-beta-D-glucopyranose
3 non-polymer 'FE (III) ION'
4 non-polymer 'PHOSPHATE ION'
5 non-polymer 'SODIUM ION'
6 non-polymer 'HYDROXIDE ION'
7 water water
#
_entity_poly.entity_id   1
_entity_poly.type   'polypeptide(L)'
_entity_poly.pdbx_seq_one_letter_code
;TAPTPILRFVAVGDWGGVPNAPFHTAREMANAKAIATTVKTLGADFILSLGDNFYFTGVHDAKDKRFQETFEDVFSDPSL
RNVPWHVLAGNHDHLGNVSAQIAYSKISKRWNFPSPYYRLRFKIPRSNVSVAIFMLDTVTLCGNSDDFVSQQPERPRNLA
LARTQLAWIKKQLAAAKEDYVLVAGHYPVWSIAEHGPTHCLVKQLLPLLTTHKVTAYLCGHDHNLQYLQDENGLGFVLSG
AGNFMDPSKKHLRKVPNGYLRFHFGAENSLGGFAYVEITPKEMSVTYIEASGKSLFKTKLPRRARSEHQHRRA
;
_entity_poly.pdbx_strand_id   A
#
# COMPACT_ATOMS: atom_id res chain seq x y z
N THR A 4 15.13 17.57 13.68
CA THR A 4 14.67 16.23 14.05
C THR A 4 14.90 15.25 12.88
N PRO A 5 15.63 14.16 13.13
CA PRO A 5 15.78 13.13 12.09
C PRO A 5 14.43 12.62 11.62
N ILE A 6 14.31 12.37 10.32
CA ILE A 6 13.00 12.01 9.76
C ILE A 6 13.18 11.16 8.51
N LEU A 7 12.28 10.19 8.35
CA LEU A 7 12.10 9.40 7.14
C LEU A 7 10.70 9.67 6.64
N ARG A 8 10.56 10.01 5.36
CA ARG A 8 9.30 10.46 4.79
C ARG A 8 8.94 9.62 3.58
N PHE A 9 7.68 9.20 3.48
CA PHE A 9 7.27 8.48 2.29
C PHE A 9 5.79 8.65 2.00
N VAL A 10 5.45 8.51 0.73
CA VAL A 10 4.07 8.47 0.26
C VAL A 10 3.67 7.01 0.12
N ALA A 11 2.43 6.69 0.53
CA ALA A 11 1.85 5.37 0.29
C ALA A 11 0.58 5.55 -0.54
N VAL A 12 0.61 5.02 -1.76
CA VAL A 12 -0.51 5.17 -2.70
C VAL A 12 -0.87 3.79 -3.21
N GLY A 13 -2.15 3.53 -3.30
CA GLY A 13 -2.63 2.25 -3.78
C GLY A 13 -3.57 2.38 -4.95
N ASP A 14 -3.64 1.31 -5.74
CA ASP A 14 -4.73 1.14 -6.70
C ASP A 14 -4.73 2.28 -7.70
N TRP A 15 -3.54 2.62 -8.19
CA TRP A 15 -3.34 3.80 -9.03
C TRP A 15 -3.28 3.44 -10.52
N GLY A 16 -3.43 2.16 -10.87
CA GLY A 16 -3.03 1.62 -12.17
C GLY A 16 -3.81 2.00 -13.42
N GLY A 17 -4.35 3.21 -13.50
CA GLY A 17 -4.88 3.69 -14.76
C GLY A 17 -5.94 2.78 -15.36
N VAL A 18 -5.90 2.66 -16.69
CA VAL A 18 -6.85 1.85 -17.43
C VAL A 18 -6.12 1.27 -18.63
N PRO A 19 -6.65 0.22 -19.25
CA PRO A 19 -5.98 -0.39 -20.40
C PRO A 19 -6.37 0.21 -21.74
N ASN A 20 -7.40 1.06 -21.75
CA ASN A 20 -7.82 1.77 -22.94
C ASN A 20 -7.18 3.15 -22.96
N ALA A 21 -6.93 3.67 -24.16
CA ALA A 21 -6.35 5.01 -24.26
C ALA A 21 -7.22 5.99 -23.48
N PRO A 22 -6.61 6.94 -22.75
CA PRO A 22 -5.20 7.28 -22.73
C PRO A 22 -4.41 6.59 -21.63
N PHE A 23 -4.91 5.50 -21.06
CA PHE A 23 -4.17 4.61 -20.15
C PHE A 23 -4.01 5.19 -18.75
N HIS A 24 -4.74 6.25 -18.44
CA HIS A 24 -4.83 6.80 -17.10
C HIS A 24 -6.24 7.36 -16.96
N THR A 25 -6.61 7.68 -15.72
CA THR A 25 -7.86 8.37 -15.40
C THR A 25 -7.57 9.77 -14.90
N ALA A 26 -8.61 10.60 -14.85
CA ALA A 26 -8.48 11.90 -14.23
C ALA A 26 -8.02 11.79 -12.78
N ARG A 27 -8.51 10.77 -12.06
CA ARG A 27 -8.08 10.59 -10.68
C ARG A 27 -6.60 10.26 -10.60
N GLU A 28 -6.10 9.38 -11.45
CA GLU A 28 -4.68 9.06 -11.42
C GLU A 28 -3.85 10.31 -11.67
N MET A 29 -4.25 11.14 -12.63
CA MET A 29 -3.48 12.34 -12.91
C MET A 29 -3.55 13.31 -11.74
N ALA A 30 -4.72 13.43 -11.11
CA ALA A 30 -4.84 14.34 -9.96
C ALA A 30 -3.95 13.89 -8.83
N ASN A 31 -3.89 12.58 -8.59
CA ASN A 31 -3.00 12.07 -7.55
C ASN A 31 -1.53 12.22 -7.91
N ALA A 32 -1.18 12.03 -9.19
CA ALA A 32 0.20 12.27 -9.59
C ALA A 32 0.61 13.71 -9.30
N LYS A 33 -0.26 14.66 -9.63
CA LYS A 33 0.04 16.06 -9.36
C LYS A 33 0.08 16.35 -7.85
N ALA A 34 -0.87 15.80 -7.09
CA ALA A 34 -0.90 16.08 -5.66
C ALA A 34 0.30 15.47 -4.96
N ILE A 35 0.68 14.26 -5.36
CA ILE A 35 1.88 13.64 -4.81
C ILE A 35 3.10 14.47 -5.15
N ALA A 36 3.21 14.93 -6.40
CA ALA A 36 4.34 15.79 -6.77
C ALA A 36 4.40 17.04 -5.89
N THR A 37 3.25 17.65 -5.61
CA THR A 37 3.24 18.85 -4.77
C THR A 37 3.68 18.52 -3.35
N THR A 38 3.20 17.40 -2.81
CA THR A 38 3.61 17.00 -1.48
C THR A 38 5.11 16.74 -1.42
N VAL A 39 5.65 16.03 -2.41
CA VAL A 39 7.09 15.78 -2.43
C VAL A 39 7.86 17.09 -2.53
N LYS A 40 7.44 17.98 -3.43
CA LYS A 40 8.14 19.25 -3.60
C LYS A 40 8.16 20.05 -2.31
N THR A 41 7.05 20.08 -1.57
CA THR A 41 6.94 20.98 -0.45
C THR A 41 7.40 20.36 0.87
N LEU A 42 7.13 19.08 1.09
CA LEU A 42 7.45 18.41 2.34
C LEU A 42 8.56 17.37 2.24
N GLY A 43 8.82 16.86 1.05
CA GLY A 43 9.88 15.88 0.85
C GLY A 43 9.37 14.45 0.91
N ALA A 44 10.07 13.57 0.18
CA ALA A 44 9.82 12.14 0.29
C ALA A 44 11.10 11.38 -0.04
N ASP A 45 11.44 10.44 0.82
CA ASP A 45 12.56 9.53 0.55
C ASP A 45 12.18 8.43 -0.43
N PHE A 46 10.92 8.02 -0.45
CA PHE A 46 10.46 7.04 -1.41
C PHE A 46 8.94 7.06 -1.46
N ILE A 47 8.42 6.31 -2.41
CA ILE A 47 6.99 6.08 -2.59
C ILE A 47 6.75 4.59 -2.52
N LEU A 48 5.75 4.17 -1.73
N LEU A 48 5.67 4.19 -1.87
CA LEU A 48 5.29 2.79 -1.71
CA LEU A 48 5.32 2.79 -1.69
C LEU A 48 4.04 2.67 -2.57
C LEU A 48 4.01 2.54 -2.41
N SER A 49 4.03 1.67 -3.43
CA SER A 49 2.81 1.26 -4.11
C SER A 49 2.18 0.10 -3.37
N LEU A 50 0.89 0.23 -3.08
CA LEU A 50 0.12 -0.79 -2.38
C LEU A 50 -0.67 -1.68 -3.34
N GLY A 51 -0.28 -1.72 -4.60
CA GLY A 51 -0.73 -2.72 -5.54
C GLY A 51 -1.93 -2.29 -6.36
N ASP A 52 -2.29 -3.15 -7.31
CA ASP A 52 -3.17 -2.81 -8.43
C ASP A 52 -2.52 -1.69 -9.27
N ASN A 53 -1.33 -2.05 -9.78
CA ASN A 53 -0.45 -1.12 -10.48
C ASN A 53 -0.84 -0.91 -11.93
N PHE A 54 -1.50 -1.91 -12.55
CA PHE A 54 -1.91 -1.80 -13.95
C PHE A 54 -3.27 -2.47 -14.11
N TYR A 55 -4.32 -1.66 -14.19
CA TYR A 55 -5.67 -2.19 -14.40
C TYR A 55 -5.89 -2.52 -15.86
N PHE A 56 -6.72 -3.50 -16.21
CA PHE A 56 -7.41 -4.43 -15.30
C PHE A 56 -6.79 -5.81 -15.26
N THR A 57 -5.77 -6.05 -16.09
CA THR A 57 -5.15 -7.37 -16.17
C THR A 57 -3.64 -7.28 -16.17
N GLY A 58 -3.08 -6.25 -15.54
CA GLY A 58 -1.66 -6.19 -15.38
C GLY A 58 -0.94 -5.94 -16.69
N VAL A 59 0.29 -6.44 -16.76
CA VAL A 59 1.16 -6.30 -17.93
C VAL A 59 1.52 -7.68 -18.44
N HIS A 60 1.92 -7.74 -19.71
CA HIS A 60 2.18 -9.01 -20.38
C HIS A 60 3.61 -9.48 -20.25
N ASP A 61 4.55 -8.56 -20.23
CA ASP A 61 5.98 -8.83 -20.19
C ASP A 61 6.66 -7.51 -19.84
N ALA A 62 7.97 -7.54 -19.66
CA ALA A 62 8.68 -6.38 -19.14
C ALA A 62 8.76 -5.23 -20.12
N LYS A 63 8.46 -5.47 -21.39
CA LYS A 63 8.47 -4.42 -22.41
C LYS A 63 7.08 -3.85 -22.68
N ASP A 64 6.09 -4.23 -21.88
CA ASP A 64 4.73 -3.76 -22.11
C ASP A 64 4.70 -2.24 -22.08
N LYS A 65 4.06 -1.64 -23.09
CA LYS A 65 4.00 -0.18 -23.15
C LYS A 65 3.27 0.45 -21.96
N ARG A 66 2.47 -0.35 -21.24
CA ARG A 66 1.77 0.21 -20.09
C ARG A 66 2.72 0.74 -19.03
N PHE A 67 3.93 0.19 -18.92
CA PHE A 67 4.87 0.76 -17.95
C PHE A 67 5.13 2.24 -18.24
N GLN A 68 5.25 2.60 -19.50
CA GLN A 68 5.44 4.01 -19.86
CA GLN A 68 5.44 4.01 -19.86
C GLN A 68 4.13 4.79 -19.79
N GLU A 69 3.04 4.20 -20.31
CA GLU A 69 1.77 4.92 -20.45
C GLU A 69 1.10 5.20 -19.11
N THR A 70 1.09 4.21 -18.23
CA THR A 70 0.33 4.30 -16.99
C THR A 70 1.22 4.67 -15.81
N PHE A 71 2.51 4.38 -15.87
CA PHE A 71 3.43 4.70 -14.78
C PHE A 71 4.39 5.85 -15.14
N GLU A 72 5.36 5.61 -16.01
CA GLU A 72 6.45 6.57 -16.12
C GLU A 72 5.95 7.95 -16.55
N ASP A 73 5.10 7.99 -17.58
CA ASP A 73 4.67 9.28 -18.13
C ASP A 73 3.69 9.98 -17.20
N VAL A 74 2.97 9.21 -16.38
CA VAL A 74 2.03 9.81 -15.44
C VAL A 74 2.77 10.48 -14.29
N PHE A 75 3.69 9.75 -13.65
CA PHE A 75 4.44 10.28 -12.51
C PHE A 75 5.71 10.96 -12.99
N SER A 76 5.51 11.99 -13.82
CA SER A 76 6.61 12.62 -14.54
C SER A 76 6.85 14.07 -14.17
N ASP A 77 6.15 14.62 -13.20
CA ASP A 77 6.42 15.99 -12.82
CA ASP A 77 6.42 15.99 -12.79
C ASP A 77 7.83 16.08 -12.24
N PRO A 78 8.48 17.24 -12.38
CA PRO A 78 9.90 17.33 -11.97
C PRO A 78 10.20 16.89 -10.55
N SER A 79 9.35 17.19 -9.58
CA SER A 79 9.65 16.84 -8.21
C SER A 79 9.71 15.34 -7.96
N LEU A 80 9.12 14.53 -8.85
CA LEU A 80 9.06 13.08 -8.67
C LEU A 80 10.09 12.32 -9.46
N ARG A 81 10.76 12.96 -10.40
CA ARG A 81 11.84 12.29 -11.10
C ARG A 81 12.88 11.88 -10.08
N ASN A 82 13.29 10.61 -10.15
CA ASN A 82 14.29 10.03 -9.27
C ASN A 82 13.81 9.71 -7.86
N VAL A 83 12.57 9.99 -7.46
CA VAL A 83 12.10 9.46 -6.17
C VAL A 83 11.90 7.96 -6.35
N PRO A 84 12.58 7.12 -5.58
CA PRO A 84 12.40 5.66 -5.71
C PRO A 84 11.02 5.23 -5.29
N TRP A 85 10.51 4.23 -6.02
CA TRP A 85 9.31 3.50 -5.64
C TRP A 85 9.67 2.10 -5.16
N HIS A 86 8.94 1.63 -4.16
CA HIS A 86 9.01 0.24 -3.73
C HIS A 86 7.61 -0.32 -3.93
N VAL A 87 7.53 -1.42 -4.70
CA VAL A 87 6.26 -1.89 -5.26
C VAL A 87 5.91 -3.29 -4.75
N LEU A 88 4.62 -3.54 -4.62
CA LEU A 88 4.08 -4.89 -4.45
C LEU A 88 2.88 -5.01 -5.36
N ALA A 89 2.40 -6.24 -5.52
CA ALA A 89 1.34 -6.55 -6.49
C ALA A 89 -0.02 -6.69 -5.84
N GLY A 90 -1.05 -6.32 -6.62
CA GLY A 90 -2.43 -6.57 -6.29
C GLY A 90 -3.05 -7.65 -7.15
N ASN A 91 -4.36 -7.84 -6.96
CA ASN A 91 -5.07 -8.88 -7.69
C ASN A 91 -5.05 -8.64 -9.21
N HIS A 92 -5.28 -7.41 -9.66
CA HIS A 92 -5.29 -7.18 -11.10
C HIS A 92 -3.92 -7.42 -11.71
N ASP A 93 -2.85 -7.09 -10.99
CA ASP A 93 -1.51 -7.37 -11.49
C ASP A 93 -1.33 -8.86 -11.75
N HIS A 94 -1.86 -9.68 -10.86
CA HIS A 94 -1.76 -11.12 -10.94
C HIS A 94 -2.69 -11.76 -11.97
N LEU A 95 -3.62 -11.00 -12.56
CA LEU A 95 -4.30 -11.48 -13.76
C LEU A 95 -3.39 -11.42 -14.97
N GLY A 96 -2.29 -10.67 -14.87
CA GLY A 96 -1.27 -10.65 -15.87
C GLY A 96 0.01 -11.28 -15.35
N ASN A 97 1.13 -10.70 -15.72
CA ASN A 97 2.46 -11.28 -15.49
C ASN A 97 3.16 -10.45 -14.42
N VAL A 98 3.19 -10.94 -13.18
CA VAL A 98 3.89 -10.22 -12.12
C VAL A 98 5.40 -10.35 -12.26
N SER A 99 5.89 -11.47 -12.79
CA SER A 99 7.32 -11.56 -13.05
C SER A 99 7.80 -10.42 -13.93
N ALA A 100 6.94 -9.93 -14.83
CA ALA A 100 7.31 -8.81 -15.68
C ALA A 100 7.50 -7.53 -14.87
N GLN A 101 6.66 -7.31 -13.87
CA GLN A 101 6.82 -6.13 -13.01
C GLN A 101 8.08 -6.24 -12.17
N ILE A 102 8.45 -7.45 -11.76
CA ILE A 102 9.71 -7.63 -11.06
C ILE A 102 10.89 -7.36 -11.99
N ALA A 103 10.83 -7.90 -13.21
CA ALA A 103 11.92 -7.71 -14.18
C ALA A 103 12.07 -6.24 -14.58
N TYR A 104 10.98 -5.47 -14.56
CA TYR A 104 11.03 -4.06 -14.91
C TYR A 104 11.95 -3.27 -13.98
N SER A 105 12.23 -3.80 -12.78
CA SER A 105 13.19 -3.18 -11.87
C SER A 105 14.57 -3.01 -12.51
N LYS A 106 14.93 -3.86 -13.45
CA LYS A 106 16.21 -3.77 -14.15
C LYS A 106 16.19 -2.78 -15.30
N ILE A 107 15.02 -2.28 -15.67
CA ILE A 107 14.86 -1.34 -16.77
C ILE A 107 14.72 0.09 -16.26
N SER A 108 13.96 0.31 -15.21
CA SER A 108 13.70 1.65 -14.68
C SER A 108 14.38 1.81 -13.32
N LYS A 109 15.27 2.80 -13.24
CA LYS A 109 16.02 3.01 -11.99
C LYS A 109 15.07 3.16 -10.79
N ARG A 110 14.01 3.96 -10.94
CA ARG A 110 13.16 4.26 -9.78
C ARG A 110 12.21 3.14 -9.43
N TRP A 111 12.02 2.13 -10.26
CA TRP A 111 11.07 1.05 -9.94
C TRP A 111 11.81 -0.07 -9.25
N ASN A 112 11.43 -0.35 -7.99
CA ASN A 112 12.10 -1.39 -7.20
C ASN A 112 11.07 -2.42 -6.75
N PHE A 113 11.21 -3.61 -7.27
CA PHE A 113 10.26 -4.70 -7.04
C PHE A 113 11.05 -5.99 -7.21
N PRO A 114 11.79 -6.44 -6.21
CA PRO A 114 12.76 -7.51 -6.45
C PRO A 114 12.19 -8.91 -6.45
N SER A 115 11.02 -9.10 -5.88
CA SER A 115 10.41 -10.41 -5.70
C SER A 115 8.99 -10.15 -5.21
N PRO A 116 8.11 -11.15 -5.19
CA PRO A 116 6.72 -10.90 -4.75
C PRO A 116 6.63 -10.37 -3.33
N TYR A 117 7.48 -10.83 -2.44
CA TYR A 117 7.52 -10.32 -1.08
C TYR A 117 8.97 -10.17 -0.66
N TYR A 118 9.23 -9.19 0.19
CA TYR A 118 10.60 -8.85 0.52
C TYR A 118 10.62 -7.89 1.71
N ARG A 119 11.81 -7.73 2.27
CA ARG A 119 12.04 -6.83 3.40
C ARG A 119 12.82 -5.61 2.94
N LEU A 120 12.38 -4.44 3.40
CA LEU A 120 13.14 -3.20 3.32
C LEU A 120 13.60 -2.80 4.72
N ARG A 121 14.81 -2.26 4.83
CA ARG A 121 15.28 -1.70 6.09
C ARG A 121 15.84 -0.32 5.83
N PHE A 122 15.51 0.61 6.72
CA PHE A 122 15.98 1.98 6.64
C PHE A 122 16.53 2.42 8.00
N LYS A 123 17.56 3.25 7.96
CA LYS A 123 18.03 3.97 9.12
C LYS A 123 17.59 5.41 8.97
N ILE A 124 16.94 5.96 9.98
CA ILE A 124 16.59 7.38 9.95
C ILE A 124 17.91 8.15 10.01
N PRO A 125 18.18 9.03 9.03
CA PRO A 125 19.51 9.68 8.97
C PRO A 125 19.80 10.50 10.21
N ARG A 126 21.08 10.47 10.62
CA ARG A 126 21.55 11.21 11.80
CA ARG A 126 21.57 11.19 11.80
C ARG A 126 20.87 10.74 13.08
N SER A 127 20.55 9.45 13.14
CA SER A 127 19.99 8.81 14.32
C SER A 127 20.35 7.33 14.22
N ASN A 128 20.17 6.61 15.33
CA ASN A 128 20.31 5.16 15.31
C ASN A 128 18.96 4.45 15.26
N VAL A 129 17.90 5.16 14.88
CA VAL A 129 16.56 4.60 14.84
C VAL A 129 16.36 3.91 13.50
N SER A 130 15.78 2.72 13.54
CA SER A 130 15.63 1.89 12.35
C SER A 130 14.16 1.60 12.06
N VAL A 131 13.88 1.35 10.79
CA VAL A 131 12.54 1.03 10.30
C VAL A 131 12.64 -0.19 9.40
N ALA A 132 11.80 -1.19 9.62
CA ALA A 132 11.64 -2.29 8.71
C ALA A 132 10.27 -2.22 8.06
N ILE A 133 10.21 -2.50 6.76
CA ILE A 133 8.96 -2.58 6.02
C ILE A 133 8.95 -3.92 5.30
N PHE A 134 7.96 -4.76 5.63
CA PHE A 134 7.79 -6.04 4.98
C PHE A 134 6.70 -5.91 3.94
N MET A 135 7.09 -6.04 2.68
CA MET A 135 6.19 -5.95 1.53
C MET A 135 5.72 -7.36 1.19
N LEU A 136 4.42 -7.58 1.30
CA LEU A 136 3.84 -8.91 1.12
C LEU A 136 3.13 -9.02 -0.22
N ASP A 137 2.99 -10.26 -0.68
CA ASP A 137 2.12 -10.57 -1.81
C ASP A 137 0.88 -11.26 -1.27
N THR A 138 -0.18 -10.47 -1.05
CA THR A 138 -1.36 -11.06 -0.42
C THR A 138 -2.14 -11.91 -1.40
N VAL A 139 -1.88 -11.78 -2.70
CA VAL A 139 -2.54 -12.60 -3.69
C VAL A 139 -1.99 -14.02 -3.65
N THR A 140 -0.66 -14.17 -3.64
CA THR A 140 -0.14 -15.53 -3.54
C THR A 140 -0.41 -16.12 -2.17
N LEU A 141 -0.54 -15.29 -1.14
CA LEU A 141 -0.85 -15.81 0.19
C LEU A 141 -2.27 -16.30 0.30
N CYS A 142 -3.23 -15.55 -0.24
CA CYS A 142 -4.64 -15.75 0.03
C CYS A 142 -5.47 -16.18 -1.18
N GLY A 143 -4.99 -15.95 -2.39
CA GLY A 143 -5.75 -16.15 -3.60
C GLY A 143 -6.00 -14.83 -4.31
N ASN A 144 -6.36 -14.96 -5.58
CA ASN A 144 -6.70 -13.81 -6.42
C ASN A 144 -8.21 -13.60 -6.36
N SER A 145 -8.63 -12.47 -5.82
CA SER A 145 -10.07 -12.20 -5.69
C SER A 145 -10.78 -12.27 -7.05
N ASP A 146 -10.07 -11.98 -8.13
CA ASP A 146 -10.69 -12.00 -9.46
C ASP A 146 -10.90 -13.40 -9.99
N ASP A 147 -10.39 -14.44 -9.31
CA ASP A 147 -10.65 -15.81 -9.69
C ASP A 147 -11.99 -16.32 -9.17
N PHE A 148 -12.69 -15.52 -8.36
CA PHE A 148 -13.91 -15.98 -7.70
C PHE A 148 -15.05 -15.01 -8.00
N VAL A 149 -16.25 -15.57 -8.25
CA VAL A 149 -17.40 -14.72 -8.48
C VAL A 149 -17.61 -13.77 -7.30
N SER A 150 -17.30 -14.23 -6.09
CA SER A 150 -17.48 -13.41 -4.90
C SER A 150 -16.54 -12.22 -4.86
N GLN A 151 -15.50 -12.21 -5.69
CA GLN A 151 -14.48 -11.16 -5.63
C GLN A 151 -13.82 -11.09 -4.26
N GLN A 152 -13.73 -12.24 -3.57
CA GLN A 152 -12.96 -12.42 -2.36
C GLN A 152 -11.90 -13.47 -2.61
N PRO A 153 -10.75 -13.37 -1.97
CA PRO A 153 -9.71 -14.38 -2.18
C PRO A 153 -10.01 -15.61 -1.34
N GLU A 154 -10.73 -16.56 -1.93
CA GLU A 154 -11.28 -17.67 -1.17
C GLU A 154 -10.22 -18.70 -0.81
N ARG A 155 -9.21 -18.89 -1.66
CA ARG A 155 -8.14 -19.84 -1.39
C ARG A 155 -6.99 -19.53 -2.33
N PRO A 156 -5.75 -19.81 -1.92
CA PRO A 156 -4.61 -19.55 -2.79
C PRO A 156 -4.56 -20.52 -3.95
N ARG A 157 -4.03 -20.03 -5.07
CA ARG A 157 -3.87 -20.89 -6.24
C ARG A 157 -2.86 -22.00 -5.99
N ASN A 158 -1.82 -21.71 -5.21
CA ASN A 158 -0.71 -22.64 -5.01
C ASN A 158 -0.39 -22.74 -3.52
N LEU A 159 -0.54 -23.94 -2.97
CA LEU A 159 -0.37 -24.12 -1.53
C LEU A 159 1.05 -23.89 -1.10
N ALA A 160 2.02 -24.38 -1.88
CA ALA A 160 3.41 -24.19 -1.48
C ALA A 160 3.76 -22.71 -1.42
N LEU A 161 3.33 -21.91 -2.41
CA LEU A 161 3.67 -20.50 -2.36
C LEU A 161 3.08 -19.85 -1.12
N ALA A 162 1.83 -20.16 -0.80
CA ALA A 162 1.17 -19.55 0.35
C ALA A 162 1.83 -19.95 1.65
N ARG A 163 2.09 -21.25 1.82
CA ARG A 163 2.68 -21.73 3.07
C ARG A 163 4.09 -21.18 3.24
N THR A 164 4.83 -21.07 2.14
CA THR A 164 6.19 -20.55 2.21
C THR A 164 6.19 -19.08 2.61
N GLN A 165 5.30 -18.28 2.04
CA GLN A 165 5.28 -16.88 2.41
C GLN A 165 4.87 -16.71 3.86
N LEU A 166 3.88 -17.47 4.32
CA LEU A 166 3.47 -17.35 5.71
C LEU A 166 4.62 -17.70 6.65
N ALA A 167 5.38 -18.74 6.33
CA ALA A 167 6.50 -19.12 7.17
C ALA A 167 7.56 -18.02 7.18
N TRP A 168 7.77 -17.39 6.03
CA TRP A 168 8.74 -16.30 5.93
C TRP A 168 8.30 -15.11 6.79
N ILE A 169 7.04 -14.72 6.70
CA ILE A 169 6.50 -13.62 7.50
CA ILE A 169 6.67 -13.56 7.48
C ILE A 169 6.71 -13.88 8.98
N LYS A 170 6.33 -15.09 9.41
CA LYS A 170 6.47 -15.45 10.81
CA LYS A 170 6.48 -15.47 10.81
C LYS A 170 7.93 -15.34 11.26
N LYS A 171 8.85 -15.92 10.49
CA LYS A 171 10.25 -15.87 10.85
C LYS A 171 10.77 -14.44 10.89
N GLN A 172 10.43 -13.65 9.87
CA GLN A 172 10.91 -12.27 9.83
C GLN A 172 10.36 -11.43 10.98
N LEU A 173 9.07 -11.54 11.26
CA LEU A 173 8.49 -10.73 12.32
C LEU A 173 9.02 -11.14 13.68
N ALA A 174 9.28 -12.43 13.88
CA ALA A 174 9.83 -12.88 15.15
C ALA A 174 11.24 -12.36 15.38
N ALA A 175 12.00 -12.14 14.30
CA ALA A 175 13.38 -11.71 14.41
C ALA A 175 13.55 -10.19 14.36
N ALA A 176 12.53 -9.44 13.95
CA ALA A 176 12.72 -8.03 13.65
C ALA A 176 12.98 -7.23 14.93
N LYS A 177 14.11 -6.52 14.96
CA LYS A 177 14.52 -5.74 16.11
C LYS A 177 14.32 -4.25 15.90
N GLU A 178 13.71 -3.85 14.78
CA GLU A 178 13.70 -2.44 14.42
C GLU A 178 12.75 -1.64 15.32
N ASP A 179 13.04 -0.35 15.42
CA ASP A 179 12.23 0.55 16.25
C ASP A 179 10.82 0.72 15.74
N TYR A 180 10.64 0.66 14.42
CA TYR A 180 9.34 0.66 13.81
C TYR A 180 9.30 -0.51 12.84
N VAL A 181 8.20 -1.24 12.84
CA VAL A 181 8.00 -2.35 11.91
C VAL A 181 6.67 -2.14 11.23
N LEU A 182 6.72 -1.98 9.91
CA LEU A 182 5.53 -1.85 9.09
CA LEU A 182 5.53 -1.85 9.10
C LEU A 182 5.41 -3.08 8.22
N VAL A 183 4.17 -3.50 7.98
CA VAL A 183 3.87 -4.55 7.03
C VAL A 183 2.91 -3.97 6.02
N ALA A 184 3.10 -4.29 4.76
CA ALA A 184 2.28 -3.77 3.68
C ALA A 184 1.84 -4.92 2.79
N GLY A 185 0.62 -4.83 2.29
CA GLY A 185 0.10 -5.82 1.35
C GLY A 185 -1.10 -5.22 0.64
N HIS A 186 -1.50 -5.83 -0.46
CA HIS A 186 -2.61 -5.23 -1.22
C HIS A 186 -3.93 -5.31 -0.46
N TYR A 187 -4.31 -6.52 -0.02
CA TYR A 187 -5.61 -6.73 0.59
C TYR A 187 -5.65 -6.22 2.03
N PRO A 188 -6.81 -5.77 2.50
CA PRO A 188 -6.92 -5.29 3.89
C PRO A 188 -7.02 -6.40 4.91
N VAL A 189 -6.55 -6.10 6.11
CA VAL A 189 -6.98 -6.86 7.27
C VAL A 189 -8.39 -6.43 7.63
N TRP A 190 -8.54 -5.16 8.02
CA TRP A 190 -9.84 -4.53 8.26
C TRP A 190 -10.10 -3.45 7.21
N SER A 191 -11.36 -3.36 6.80
CA SER A 191 -11.86 -2.30 5.95
C SER A 191 -13.38 -2.32 6.05
N ILE A 192 -14.00 -1.14 6.06
CA ILE A 192 -15.45 -1.04 6.11
C ILE A 192 -16.11 -1.02 4.74
N ALA A 193 -15.34 -1.07 3.65
CA ALA A 193 -15.84 -0.67 2.35
C ALA A 193 -16.26 -1.86 1.47
N GLU A 194 -16.02 -1.78 0.17
CA GLU A 194 -16.71 -2.67 -0.75
C GLU A 194 -16.25 -4.11 -0.64
N HIS A 195 -14.96 -4.34 -0.46
CA HIS A 195 -14.46 -5.70 -0.23
C HIS A 195 -14.51 -6.07 1.23
N GLY A 196 -14.11 -5.17 2.11
CA GLY A 196 -14.14 -5.42 3.53
C GLY A 196 -12.95 -6.21 4.01
N PRO A 197 -13.05 -6.75 5.22
CA PRO A 197 -11.93 -7.51 5.80
C PRO A 197 -11.60 -8.72 4.95
N THR A 198 -10.30 -9.06 4.88
CA THR A 198 -9.88 -10.26 4.16
C THR A 198 -9.73 -11.38 5.17
N HIS A 199 -10.61 -12.38 5.10
CA HIS A 199 -10.64 -13.43 6.11
C HIS A 199 -9.28 -14.11 6.24
N CYS A 200 -8.62 -14.39 5.12
CA CYS A 200 -7.31 -15.02 5.16
C CYS A 200 -6.32 -14.23 6.00
N LEU A 201 -6.32 -12.91 5.86
CA LEU A 201 -5.38 -12.09 6.62
C LEU A 201 -5.78 -11.95 8.08
N VAL A 202 -7.07 -11.79 8.36
CA VAL A 202 -7.53 -11.77 9.75
C VAL A 202 -7.09 -13.05 10.46
N LYS A 203 -7.22 -14.19 9.79
CA LYS A 203 -6.90 -15.46 10.41
C LYS A 203 -5.39 -15.72 10.51
N GLN A 204 -4.64 -15.43 9.45
CA GLN A 204 -3.25 -15.89 9.38
C GLN A 204 -2.24 -14.80 9.66
N LEU A 205 -2.50 -13.57 9.26
CA LEU A 205 -1.53 -12.50 9.40
C LEU A 205 -1.72 -11.70 10.69
N LEU A 206 -2.95 -11.31 10.99
CA LEU A 206 -3.20 -10.47 12.15
C LEU A 206 -2.64 -11.03 13.46
N PRO A 207 -2.77 -12.31 13.79
CA PRO A 207 -2.15 -12.79 15.02
C PRO A 207 -0.64 -12.52 15.09
N LEU A 208 0.04 -12.59 13.95
CA LEU A 208 1.48 -12.29 13.91
C LEU A 208 1.75 -10.81 14.09
N LEU A 209 0.93 -9.95 13.50
CA LEU A 209 1.11 -8.51 13.70
C LEU A 209 0.97 -8.16 15.17
N THR A 210 0.04 -8.81 15.87
CA THR A 210 -0.19 -8.54 17.28
C THR A 210 0.96 -9.09 18.13
N THR A 211 1.26 -10.38 17.97
CA THR A 211 2.29 -11.02 18.79
C THR A 211 3.62 -10.29 18.67
N HIS A 212 3.97 -9.83 17.47
CA HIS A 212 5.28 -9.28 17.22
C HIS A 212 5.29 -7.76 17.22
N LYS A 213 4.24 -7.14 17.74
CA LYS A 213 4.23 -5.71 18.04
C LYS A 213 4.52 -4.87 16.80
N VAL A 214 3.89 -5.23 15.68
CA VAL A 214 4.01 -4.43 14.49
C VAL A 214 3.37 -3.06 14.72
N THR A 215 3.97 -2.03 14.12
CA THR A 215 3.45 -0.67 14.26
C THR A 215 2.15 -0.47 13.49
N ALA A 216 2.15 -0.86 12.21
CA ALA A 216 1.00 -0.65 11.36
C ALA A 216 1.05 -1.60 10.18
N TYR A 217 -0.14 -1.91 9.67
CA TYR A 217 -0.31 -2.64 8.42
C TYR A 217 -0.89 -1.67 7.39
N LEU A 218 -0.22 -1.55 6.25
CA LEU A 218 -0.62 -0.66 5.17
C LEU A 218 -1.18 -1.48 4.01
N CYS A 219 -2.27 -1.01 3.40
CA CYS A 219 -2.90 -1.75 2.30
C CYS A 219 -3.67 -0.81 1.40
N GLY A 220 -4.19 -1.38 0.30
CA GLY A 220 -5.13 -0.71 -0.57
C GLY A 220 -6.35 -1.59 -0.77
N HIS A 221 -6.66 -1.85 -2.04
CA HIS A 221 -7.67 -2.78 -2.53
C HIS A 221 -9.09 -2.24 -2.40
N ASP A 222 -9.50 -1.74 -1.25
CA ASP A 222 -10.72 -0.95 -1.20
C ASP A 222 -10.38 0.48 -1.63
N HIS A 223 -11.21 1.04 -2.49
CA HIS A 223 -10.85 2.26 -3.24
C HIS A 223 -11.32 3.49 -2.47
N ASN A 224 -10.63 3.76 -1.38
CA ASN A 224 -10.99 4.83 -0.47
C ASN A 224 -9.83 5.01 0.49
N LEU A 225 -10.01 5.89 1.48
CA LEU A 225 -9.00 6.14 2.50
C LEU A 225 -9.60 5.79 3.86
N GLN A 226 -8.90 4.99 4.64
CA GLN A 226 -9.36 4.68 5.99
C GLN A 226 -8.17 4.62 6.93
N TYR A 227 -8.40 5.03 8.18
CA TYR A 227 -7.50 4.70 9.28
C TYR A 227 -8.30 3.91 10.30
N LEU A 228 -7.81 2.73 10.64
CA LEU A 228 -8.41 1.92 11.70
C LEU A 228 -7.34 1.61 12.73
N GLN A 229 -7.76 1.36 13.96
CA GLN A 229 -6.80 1.06 15.01
C GLN A 229 -7.49 0.13 16.00
N ASP A 230 -6.81 -0.96 16.37
CA ASP A 230 -7.40 -1.90 17.31
C ASP A 230 -7.09 -1.50 18.74
N GLU A 231 -7.63 -2.29 19.68
CA GLU A 231 -7.51 -1.92 21.07
C GLU A 231 -6.10 -2.06 21.62
N ASN A 232 -5.21 -2.74 20.90
CA ASN A 232 -3.80 -2.82 21.26
C ASN A 232 -2.98 -1.69 20.67
N GLY A 233 -3.57 -0.82 19.87
CA GLY A 233 -2.84 0.27 19.27
C GLY A 233 -2.24 -0.03 17.92
N LEU A 234 -2.45 -1.23 17.38
CA LEU A 234 -1.99 -1.53 16.03
C LEU A 234 -2.81 -0.74 15.03
N GLY A 235 -2.11 -0.06 14.13
CA GLY A 235 -2.73 0.79 13.13
C GLY A 235 -2.91 0.10 11.79
N PHE A 236 -3.97 0.52 11.07
CA PHE A 236 -4.31 0.00 9.76
C PHE A 236 -4.49 1.21 8.86
N VAL A 237 -3.51 1.43 7.99
CA VAL A 237 -3.50 2.54 7.04
C VAL A 237 -3.97 1.98 5.70
N LEU A 238 -5.16 2.36 5.28
CA LEU A 238 -5.75 1.91 4.03
C LEU A 238 -5.75 3.08 3.04
N SER A 239 -4.98 2.93 1.97
CA SER A 239 -4.74 3.97 0.99
C SER A 239 -4.93 3.34 -0.38
N GLY A 240 -6.16 3.34 -0.87
CA GLY A 240 -6.49 2.64 -2.11
C GLY A 240 -7.15 3.53 -3.14
N ALA A 241 -6.82 4.82 -3.14
CA ALA A 241 -7.60 5.87 -3.81
C ALA A 241 -6.79 6.62 -4.85
N GLY A 242 -5.83 5.96 -5.49
CA GLY A 242 -5.04 6.61 -6.52
C GLY A 242 -5.70 6.71 -7.88
N ASN A 243 -6.79 5.98 -8.13
CA ASN A 243 -7.39 5.89 -9.45
C ASN A 243 -8.90 5.87 -9.42
N PHE A 244 -9.52 5.43 -8.31
CA PHE A 244 -10.94 5.21 -8.15
C PHE A 244 -11.34 5.67 -6.76
N MET A 245 -12.61 6.04 -6.61
CA MET A 245 -13.17 6.37 -5.30
CA MET A 245 -13.17 6.37 -5.29
C MET A 245 -14.51 5.67 -5.18
N ASP A 246 -14.60 4.72 -4.26
CA ASP A 246 -15.81 3.95 -4.01
C ASP A 246 -16.36 4.35 -2.66
N PRO A 247 -17.56 4.92 -2.57
CA PRO A 247 -18.12 5.36 -1.28
C PRO A 247 -18.73 4.24 -0.44
N SER A 248 -18.57 2.98 -0.87
CA SER A 248 -19.23 1.88 -0.19
C SER A 248 -18.86 1.82 1.29
N LYS A 249 -19.85 1.53 2.12
CA LYS A 249 -19.66 1.12 3.50
C LYS A 249 -20.27 -0.26 3.71
N LYS A 250 -20.23 -1.10 2.67
CA LYS A 250 -20.92 -2.39 2.70
C LYS A 250 -20.50 -3.24 3.90
N HIS A 251 -19.23 -3.15 4.31
CA HIS A 251 -18.71 -4.03 5.34
C HIS A 251 -18.51 -3.32 6.68
N LEU A 252 -19.24 -2.23 6.92
CA LEU A 252 -19.10 -1.48 8.15
C LEU A 252 -19.26 -2.37 9.37
N ARG A 253 -20.24 -3.27 9.35
N ARG A 253 -20.26 -3.26 9.37
CA ARG A 253 -20.56 -4.09 10.52
CA ARG A 253 -20.54 -4.09 10.53
C ARG A 253 -19.76 -5.38 10.58
C ARG A 253 -19.64 -5.30 10.67
N LYS A 254 -18.78 -5.56 9.69
CA LYS A 254 -17.85 -6.66 9.75
C LYS A 254 -16.53 -6.27 10.37
N VAL A 255 -16.35 -5.00 10.70
CA VAL A 255 -15.17 -4.53 11.41
C VAL A 255 -15.55 -4.35 12.88
N PRO A 256 -14.75 -4.83 13.83
CA PRO A 256 -15.10 -4.64 15.24
C PRO A 256 -15.40 -3.18 15.56
N ASN A 257 -16.42 -2.98 16.39
CA ASN A 257 -16.86 -1.64 16.71
C ASN A 257 -15.72 -0.84 17.32
N GLY A 258 -15.59 0.40 16.86
CA GLY A 258 -14.57 1.30 17.38
C GLY A 258 -13.25 1.26 16.65
N TYR A 259 -13.00 0.25 15.82
CA TYR A 259 -11.73 0.20 15.10
C TYR A 259 -11.66 1.31 14.07
N LEU A 260 -12.77 1.65 13.43
CA LEU A 260 -12.73 2.69 12.41
C LEU A 260 -12.51 4.05 13.06
N ARG A 261 -11.43 4.74 12.67
CA ARG A 261 -11.12 6.06 13.22
C ARG A 261 -11.28 7.17 12.20
N PHE A 262 -11.17 6.85 10.92
CA PHE A 262 -11.27 7.82 9.84
C PHE A 262 -11.65 7.09 8.57
N HIS A 263 -12.58 7.65 7.83
CA HIS A 263 -12.93 7.14 6.51
C HIS A 263 -13.27 8.30 5.58
N PHE A 264 -12.76 8.24 4.35
CA PHE A 264 -13.16 9.17 3.31
C PHE A 264 -13.30 8.39 2.01
N GLY A 265 -14.49 8.45 1.43
CA GLY A 265 -14.77 7.74 0.19
C GLY A 265 -15.69 8.49 -0.75
N ALA A 266 -15.74 9.82 -0.64
CA ALA A 266 -16.74 10.60 -1.34
C ALA A 266 -16.68 10.35 -2.85
N GLU A 267 -17.83 10.05 -3.43
CA GLU A 267 -17.85 9.58 -4.81
C GLU A 267 -17.37 10.64 -5.80
N ASN A 268 -17.52 11.92 -5.46
N ASN A 268 -17.53 11.92 -5.41
CA ASN A 268 -17.08 12.99 -6.36
CA ASN A 268 -17.14 13.09 -6.20
C ASN A 268 -15.69 13.53 -6.01
C ASN A 268 -15.65 13.38 -6.13
N SER A 269 -14.97 12.87 -5.13
CA SER A 269 -13.57 13.22 -4.87
C SER A 269 -12.67 12.60 -5.91
N LEU A 270 -11.52 13.24 -6.13
CA LEU A 270 -10.51 12.70 -7.03
C LEU A 270 -9.63 11.63 -6.39
N GLY A 271 -9.88 11.27 -5.13
CA GLY A 271 -9.08 10.26 -4.46
C GLY A 271 -8.07 10.87 -3.51
N GLY A 272 -7.00 10.13 -3.25
CA GLY A 272 -5.97 10.62 -2.36
C GLY A 272 -5.00 9.52 -1.97
N PHE A 273 -4.19 9.84 -0.96
CA PHE A 273 -3.05 9.01 -0.60
C PHE A 273 -2.68 9.31 0.85
N ALA A 274 -1.69 8.58 1.35
CA ALA A 274 -1.19 8.77 2.70
C ALA A 274 0.26 9.21 2.65
N TYR A 275 0.62 10.04 3.62
CA TYR A 275 1.97 10.58 3.74
C TYR A 275 2.47 10.24 5.14
N VAL A 276 3.56 9.48 5.21
CA VAL A 276 4.06 8.92 6.45
C VAL A 276 5.37 9.60 6.80
N GLU A 277 5.49 10.03 8.05
CA GLU A 277 6.70 10.64 8.59
C GLU A 277 7.12 9.84 9.82
N ILE A 278 8.37 9.40 9.86
CA ILE A 278 8.86 8.62 10.98
C ILE A 278 10.07 9.36 11.57
N THR A 279 10.00 9.68 12.86
CA THR A 279 11.09 10.31 13.58
C THR A 279 11.46 9.44 14.77
N PRO A 280 12.49 9.78 15.53
CA PRO A 280 12.74 9.05 16.77
C PRO A 280 11.64 9.22 17.79
N LYS A 281 10.75 10.18 17.63
CA LYS A 281 9.68 10.43 18.58
C LYS A 281 8.43 9.62 18.29
N GLU A 282 8.06 9.47 17.01
CA GLU A 282 6.84 8.77 16.67
C GLU A 282 6.73 8.64 15.16
N MET A 283 5.76 7.85 14.73
CA MET A 283 5.36 7.78 13.34
C MET A 283 4.07 8.58 13.19
N SER A 284 3.99 9.39 12.14
CA SER A 284 2.82 10.20 11.83
C SER A 284 2.29 9.75 10.46
N VAL A 285 0.97 9.73 10.33
CA VAL A 285 0.32 9.45 9.06
C VAL A 285 -0.67 10.56 8.78
N THR A 286 -0.56 11.17 7.61
CA THR A 286 -1.48 12.20 7.15
C THR A 286 -2.15 11.72 5.88
N TYR A 287 -3.48 11.80 5.84
CA TYR A 287 -4.24 11.45 4.65
C TYR A 287 -4.50 12.72 3.87
N ILE A 288 -4.12 12.72 2.60
CA ILE A 288 -4.17 13.90 1.74
C ILE A 288 -5.06 13.60 0.54
N GLU A 289 -6.08 14.43 0.34
CA GLU A 289 -6.94 14.29 -0.82
C GLU A 289 -6.21 14.77 -2.06
N ALA A 290 -6.61 14.23 -3.21
CA ALA A 290 -5.97 14.62 -4.46
C ALA A 290 -6.19 16.10 -4.79
N SER A 291 -7.16 16.74 -4.15
CA SER A 291 -7.35 18.18 -4.27
C SER A 291 -6.35 18.97 -3.43
N GLY A 292 -5.49 18.30 -2.68
CA GLY A 292 -4.50 18.92 -1.83
C GLY A 292 -4.86 19.02 -0.36
N LYS A 293 -6.12 18.75 -0.01
CA LYS A 293 -6.61 19.00 1.35
C LYS A 293 -6.13 17.92 2.30
N SER A 294 -5.64 18.33 3.47
CA SER A 294 -5.30 17.39 4.54
CA SER A 294 -5.30 17.39 4.53
C SER A 294 -6.59 16.95 5.21
N LEU A 295 -6.84 15.65 5.23
CA LEU A 295 -8.10 15.14 5.74
C LEU A 295 -8.04 14.61 7.16
N PHE A 296 -6.92 14.04 7.56
CA PHE A 296 -6.81 13.37 8.85
C PHE A 296 -5.34 13.14 9.13
N LYS A 297 -4.97 13.22 10.41
CA LYS A 297 -3.59 12.96 10.80
C LYS A 297 -3.61 12.29 12.16
N THR A 298 -2.74 11.29 12.32
CA THR A 298 -2.63 10.58 13.57
C THR A 298 -1.19 10.14 13.78
N LYS A 299 -0.83 9.85 15.01
CA LYS A 299 0.50 9.35 15.28
C LYS A 299 0.41 7.97 15.92
N LEU A 300 1.51 7.23 15.74
CA LEU A 300 1.68 5.89 16.26
CA LEU A 300 1.68 5.89 16.26
C LEU A 300 3.02 5.81 16.96
N PRO A 301 3.13 4.99 18.00
CA PRO A 301 4.35 4.98 18.82
C PRO A 301 5.46 4.08 18.28
N ARG A 302 6.66 4.35 18.74
CA ARG A 302 7.79 3.45 18.57
C ARG A 302 7.55 2.13 19.31
N ARG A 303 8.18 1.07 18.82
CA ARG A 303 8.16 -0.20 19.53
C ARG A 303 9.05 -0.13 20.77
N ALA A 304 8.61 -0.77 21.84
CA ALA A 304 9.34 -0.76 23.09
C ALA A 304 10.72 -1.38 22.91
#